data_5JG6
#
_entry.id   5JG6
#
_cell.length_a   131.066
_cell.length_b   35.193
_cell.length_c   72.768
_cell.angle_alpha   90.00
_cell.angle_beta   120.42
_cell.angle_gamma   90.00
#
_symmetry.space_group_name_H-M   'C 1 2 1'
#
loop_
_entity.id
_entity.type
_entity.pdbx_description
1 polymer 'Anaphase-promoting complex subunit 11'
2 polymer Polyubiquitin-B
3 non-polymer 'ZINC ION'
4 water water
#
loop_
_entity_poly.entity_id
_entity_poly.type
_entity_poly.pdbx_seq_one_letter_code
_entity_poly.pdbx_strand_id
1 'polypeptide(L)' GSVANDENCGICRMAFNGCCPDCKVPGDDCPLVWGQCSHCFHMHCILKWLHAQQVQQHCPMCRQEWKFKE A,D
2 'polypeptide(L)'
;GSGGSGMQILVKTPRGKTITLEVEPSDTIENVKAKIQDKEGIPPDQQILFFAVKRLEDGRTLSDYNIQKKSSLLLAMRVP
GKMK
;
B,C
#
# COMPACT_ATOMS: atom_id res chain seq x y z
N ASP A 6 30.86 -13.10 -27.67
CA ASP A 6 32.24 -12.64 -27.54
C ASP A 6 32.33 -11.43 -26.62
N GLU A 7 32.42 -10.25 -27.21
CA GLU A 7 32.48 -9.00 -26.47
C GLU A 7 31.45 -8.01 -27.02
N ASN A 8 30.61 -8.51 -27.93
CA ASN A 8 29.52 -7.75 -28.53
C ASN A 8 28.13 -8.19 -28.09
N CYS A 9 27.26 -7.21 -27.89
CA CYS A 9 25.85 -7.47 -27.62
C CYS A 9 25.24 -8.28 -28.75
N GLY A 10 24.62 -9.40 -28.41
CA GLY A 10 24.02 -10.30 -29.39
C GLY A 10 22.91 -9.68 -30.20
N ILE A 11 22.26 -8.66 -29.64
CA ILE A 11 21.14 -8.00 -30.32
C ILE A 11 21.60 -6.95 -31.34
N CYS A 12 22.42 -6.00 -30.89
CA CYS A 12 22.84 -4.89 -31.73
C CYS A 12 24.20 -5.12 -32.40
N ARG A 13 24.88 -6.18 -31.98
CA ARG A 13 26.21 -6.53 -32.49
C ARG A 13 27.25 -5.44 -32.27
N MET A 14 27.01 -4.56 -31.31
CA MET A 14 28.01 -3.56 -30.90
C MET A 14 28.63 -3.93 -29.55
N ALA A 15 29.86 -3.48 -29.33
CA ALA A 15 30.61 -3.82 -28.13
C ALA A 15 29.87 -3.50 -26.84
N PHE A 16 30.04 -4.37 -25.85
CA PHE A 16 29.47 -4.15 -24.54
C PHE A 16 30.00 -2.87 -23.87
N ASN A 17 31.27 -2.55 -24.10
CA ASN A 17 31.87 -1.39 -23.44
C ASN A 17 31.51 -0.06 -24.12
N GLY A 18 30.60 -0.12 -25.07
CA GLY A 18 30.11 1.07 -25.74
C GLY A 18 28.59 1.14 -25.66
N CYS A 19 28.02 2.13 -26.33
CA CYS A 19 26.58 2.35 -26.30
C CYS A 19 25.82 1.43 -27.26
N CYS A 20 24.53 1.27 -27.03
CA CYS A 20 23.62 0.61 -27.97
C CYS A 20 23.30 1.57 -29.15
N PRO A 21 22.65 1.06 -30.22
CA PRO A 21 22.39 1.94 -31.38
C PRO A 21 21.51 3.15 -31.07
N ASP A 22 20.71 3.07 -30.02
CA ASP A 22 19.81 4.17 -29.68
C ASP A 22 20.52 5.25 -28.85
N CYS A 23 21.61 4.87 -28.20
CA CYS A 23 22.42 5.83 -27.45
C CYS A 23 23.52 6.41 -28.35
N ASP A 28 26.05 8.95 -22.44
CA ASP A 28 24.76 8.37 -22.08
C ASP A 28 24.94 7.07 -21.30
N ASP A 29 24.07 6.85 -20.31
CA ASP A 29 24.07 5.63 -19.53
C ASP A 29 23.40 4.49 -20.28
N CYS A 30 24.19 3.49 -20.67
CA CYS A 30 23.70 2.35 -21.43
C CYS A 30 24.13 1.05 -20.74
N PRO A 31 23.49 0.70 -19.62
CA PRO A 31 23.99 -0.39 -18.78
C PRO A 31 23.82 -1.78 -19.40
N LEU A 32 24.57 -2.75 -18.89
CA LEU A 32 24.46 -4.11 -19.35
C LEU A 32 23.61 -4.94 -18.37
N VAL A 33 22.90 -5.94 -18.90
CA VAL A 33 22.08 -6.83 -18.09
C VAL A 33 22.27 -8.28 -18.51
N TRP A 34 21.91 -9.21 -17.64
CA TRP A 34 22.11 -10.63 -17.87
C TRP A 34 20.82 -11.43 -17.75
N GLY A 35 20.66 -12.40 -18.64
CA GLY A 35 19.56 -13.34 -18.51
C GLY A 35 19.99 -14.54 -17.72
N GLN A 36 19.01 -15.30 -17.23
CA GLN A 36 19.28 -16.55 -16.53
C GLN A 36 20.03 -17.52 -17.43
N CYS A 37 19.80 -17.40 -18.72
CA CYS A 37 20.48 -18.22 -19.72
C CYS A 37 21.94 -17.79 -19.91
N SER A 38 22.35 -16.79 -19.13
CA SER A 38 23.72 -16.25 -19.10
C SER A 38 24.14 -15.53 -20.39
N HIS A 39 23.19 -15.09 -21.21
CA HIS A 39 23.49 -14.16 -22.28
C HIS A 39 23.45 -12.72 -21.77
N CYS A 40 24.35 -11.89 -22.29
CA CYS A 40 24.48 -10.50 -21.88
C CYS A 40 24.01 -9.58 -23.01
N PHE A 41 23.29 -8.52 -22.64
CA PHE A 41 22.87 -7.51 -23.61
C PHE A 41 22.97 -6.13 -23.01
N HIS A 42 23.04 -5.11 -23.86
CA HIS A 42 22.70 -3.76 -23.43
C HIS A 42 21.27 -3.82 -22.90
N MET A 43 21.00 -3.17 -21.77
CA MET A 43 19.64 -3.14 -21.26
C MET A 43 18.64 -2.63 -22.31
N HIS A 44 19.00 -1.55 -23.00
CA HIS A 44 18.11 -0.95 -23.99
C HIS A 44 17.76 -1.93 -25.11
N CYS A 45 18.74 -2.72 -25.54
CA CYS A 45 18.50 -3.70 -26.58
C CYS A 45 17.50 -4.76 -26.17
N ILE A 46 17.70 -5.37 -25.01
CA ILE A 46 16.80 -6.47 -24.60
C ILE A 46 15.42 -5.94 -24.26
N LEU A 47 15.34 -4.72 -23.72
CA LEU A 47 14.04 -4.11 -23.43
C LEU A 47 13.25 -3.92 -24.72
N LYS A 48 13.93 -3.46 -25.77
CA LYS A 48 13.30 -3.27 -27.07
C LYS A 48 12.77 -4.60 -27.59
N TRP A 49 13.59 -5.64 -27.48
CA TRP A 49 13.18 -6.97 -27.90
C TRP A 49 12.00 -7.50 -27.09
N LEU A 50 12.10 -7.41 -25.76
CA LEU A 50 11.06 -7.95 -24.89
C LEU A 50 9.72 -7.28 -25.17
N HIS A 51 9.78 -5.97 -25.41
CA HIS A 51 8.57 -5.21 -25.71
C HIS A 51 7.87 -5.66 -26.99
N ALA A 52 8.65 -6.06 -27.99
CA ALA A 52 8.09 -6.47 -29.28
C ALA A 52 7.51 -7.88 -29.24
N GLN A 53 7.92 -8.68 -28.26
CA GLN A 53 7.49 -10.07 -28.21
C GLN A 53 6.00 -10.21 -27.88
N GLN A 54 5.29 -10.94 -28.73
CA GLN A 54 3.85 -11.15 -28.52
C GLN A 54 3.58 -12.49 -27.83
N VAL A 55 4.65 -13.21 -27.52
CA VAL A 55 4.55 -14.48 -26.80
C VAL A 55 5.33 -14.39 -25.50
N GLN A 56 5.42 -15.50 -24.78
CA GLN A 56 6.19 -15.56 -23.54
C GLN A 56 7.62 -15.01 -23.76
N GLN A 57 8.02 -14.08 -22.89
CA GLN A 57 9.33 -13.44 -23.01
C GLN A 57 10.45 -14.47 -23.03
N HIS A 58 11.29 -14.41 -24.06
CA HIS A 58 12.42 -15.34 -24.15
C HIS A 58 13.67 -14.66 -24.74
N CYS A 59 14.82 -15.28 -24.52
CA CYS A 59 16.08 -14.74 -25.01
C CYS A 59 16.10 -14.79 -26.53
N PRO A 60 16.50 -13.68 -27.17
CA PRO A 60 16.58 -13.61 -28.63
C PRO A 60 17.61 -14.60 -29.19
N MET A 61 18.63 -14.89 -28.40
CA MET A 61 19.72 -15.76 -28.83
C MET A 61 19.40 -17.24 -28.68
N CYS A 62 19.13 -17.68 -27.45
CA CYS A 62 18.97 -19.09 -27.14
C CYS A 62 17.53 -19.54 -26.96
N ARG A 63 16.59 -18.59 -27.03
CA ARG A 63 15.14 -18.84 -26.94
C ARG A 63 14.69 -19.46 -25.62
N GLN A 64 15.56 -19.44 -24.61
CA GLN A 64 15.16 -19.86 -23.29
C GLN A 64 14.25 -18.80 -22.69
N GLU A 65 13.40 -19.21 -21.75
CA GLU A 65 12.54 -18.28 -21.03
C GLU A 65 13.38 -17.14 -20.43
N TRP A 66 12.91 -15.91 -20.58
CA TRP A 66 13.69 -14.78 -20.07
C TRP A 66 13.44 -14.48 -18.59
N LYS A 67 14.54 -14.38 -17.85
CA LYS A 67 14.54 -13.82 -16.50
C LYS A 67 15.82 -13.00 -16.37
N PHE A 68 15.74 -11.83 -15.77
CA PHE A 68 16.93 -11.02 -15.48
C PHE A 68 17.69 -11.60 -14.30
N LYS A 69 18.96 -11.90 -14.49
CA LYS A 69 19.80 -12.34 -13.39
C LYS A 69 20.39 -11.10 -12.72
N GLU A 70 19.77 -10.72 -11.58
CA GLU A 70 20.05 -9.53 -10.74
C GLU A 70 19.07 -8.37 -11.03
N SER B 5 -5.71 11.69 -8.02
CA SER B 5 -6.89 11.08 -8.59
C SER B 5 -6.50 9.87 -9.45
N GLY B 6 -7.39 8.89 -9.52
CA GLY B 6 -7.09 7.61 -10.13
C GLY B 6 -6.81 7.66 -11.63
N MET B 7 -6.18 6.61 -12.12
CA MET B 7 -5.84 6.48 -13.52
C MET B 7 -5.59 5.03 -13.89
N GLN B 8 -5.72 4.70 -15.17
CA GLN B 8 -5.39 3.38 -15.68
C GLN B 8 -4.01 3.42 -16.29
N ILE B 9 -3.20 2.41 -16.01
CA ILE B 9 -1.97 2.22 -16.75
C ILE B 9 -1.99 0.85 -17.41
N LEU B 10 -1.14 0.68 -18.42
CA LEU B 10 -1.04 -0.56 -19.17
C LEU B 10 0.25 -1.27 -18.79
N VAL B 11 0.19 -2.59 -18.64
CA VAL B 11 1.39 -3.36 -18.30
C VAL B 11 1.55 -4.54 -19.26
N LYS B 12 2.67 -4.59 -19.97
CA LYS B 12 3.00 -5.75 -20.80
C LYS B 12 3.65 -6.81 -19.91
N THR B 13 3.02 -7.97 -19.81
CA THR B 13 3.44 -9.02 -18.88
C THR B 13 4.35 -10.07 -19.55
N PRO B 14 5.11 -10.84 -18.74
CA PRO B 14 5.99 -11.87 -19.32
C PRO B 14 5.32 -12.93 -20.19
N ARG B 15 4.03 -13.23 -19.97
CA ARG B 15 3.37 -14.23 -20.81
C ARG B 15 2.96 -13.67 -22.17
N GLY B 16 3.10 -12.36 -22.34
CA GLY B 16 2.90 -11.72 -23.62
C GLY B 16 1.64 -10.88 -23.74
N LYS B 17 0.79 -10.93 -22.72
CA LYS B 17 -0.46 -10.19 -22.73
C LYS B 17 -0.33 -8.85 -22.03
N THR B 18 -1.06 -7.86 -22.51
CA THR B 18 -1.10 -6.57 -21.86
C THR B 18 -2.34 -6.49 -20.97
N ILE B 19 -2.11 -6.14 -19.70
CA ILE B 19 -3.18 -5.97 -18.73
C ILE B 19 -3.26 -4.50 -18.35
N THR B 20 -4.32 -4.13 -17.66
CA THR B 20 -4.45 -2.77 -17.14
C THR B 20 -4.47 -2.82 -15.62
N LEU B 21 -4.02 -1.73 -15.01
CA LEU B 21 -4.11 -1.55 -13.56
C LEU B 21 -4.76 -0.22 -13.22
N GLU B 22 -5.62 -0.22 -12.20
CA GLU B 22 -6.12 1.01 -11.61
C GLU B 22 -5.15 1.49 -10.54
N VAL B 23 -4.56 2.67 -10.74
CA VAL B 23 -3.53 3.15 -9.84
C VAL B 23 -3.73 4.64 -9.51
N GLU B 24 -2.91 5.13 -8.58
CA GLU B 24 -2.83 6.55 -8.26
C GLU B 24 -1.41 7.04 -8.47
N PRO B 25 -1.24 8.32 -8.82
CA PRO B 25 0.12 8.85 -8.99
C PRO B 25 0.97 8.68 -7.73
N SER B 26 0.32 8.68 -6.56
CA SER B 26 1.02 8.58 -5.28
C SER B 26 1.34 7.15 -4.87
N ASP B 27 0.79 6.18 -5.61
CA ASP B 27 1.13 4.77 -5.39
C ASP B 27 2.63 4.53 -5.53
N THR B 28 3.18 3.73 -4.63
CA THR B 28 4.58 3.34 -4.71
C THR B 28 4.75 2.21 -5.73
N ILE B 29 5.97 2.01 -6.21
CA ILE B 29 6.23 0.90 -7.10
C ILE B 29 5.90 -0.41 -6.40
N GLU B 30 6.17 -0.48 -5.09
CA GLU B 30 5.84 -1.68 -4.32
C GLU B 30 4.34 -1.96 -4.37
N ASN B 31 3.54 -0.91 -4.20
CA ASN B 31 2.09 -1.08 -4.27
CA ASN B 31 2.07 -1.01 -4.30
C ASN B 31 1.65 -1.60 -5.64
N VAL B 32 2.25 -1.06 -6.71
CA VAL B 32 1.97 -1.53 -8.06
C VAL B 32 2.30 -3.01 -8.24
N LYS B 33 3.44 -3.44 -7.70
CA LYS B 33 3.85 -4.85 -7.82
C LYS B 33 2.85 -5.74 -7.07
N ALA B 34 2.33 -5.23 -5.96
CA ALA B 34 1.34 -5.95 -5.17
C ALA B 34 0.05 -6.16 -5.99
N LYS B 35 -0.35 -5.12 -6.72
CA LYS B 35 -1.50 -5.20 -7.60
C LYS B 35 -1.25 -6.23 -8.70
N ILE B 36 -0.02 -6.22 -9.20
CA ILE B 36 0.36 -7.13 -10.29
C ILE B 36 0.34 -8.57 -9.77
N GLN B 37 0.78 -8.76 -8.54
CA GLN B 37 0.74 -10.09 -7.94
C GLN B 37 -0.69 -10.62 -7.85
N ASP B 38 -1.63 -9.76 -7.46
CA ASP B 38 -3.04 -10.14 -7.39
C ASP B 38 -3.54 -10.63 -8.75
N LYS B 39 -3.11 -9.94 -9.80
CA LYS B 39 -3.58 -10.22 -11.14
C LYS B 39 -2.78 -11.34 -11.83
N GLU B 40 -1.46 -11.29 -11.71
CA GLU B 40 -0.60 -12.21 -12.45
C GLU B 40 0.00 -13.31 -11.58
N GLY B 41 -0.02 -13.13 -10.27
CA GLY B 41 0.50 -14.17 -9.40
C GLY B 41 2.01 -14.16 -9.21
N ILE B 42 2.70 -13.21 -9.83
CA ILE B 42 4.14 -13.09 -9.65
C ILE B 42 4.47 -12.40 -8.32
N PRO B 43 5.29 -13.06 -7.48
CA PRO B 43 5.71 -12.44 -6.21
C PRO B 43 6.46 -11.15 -6.49
N PRO B 44 6.14 -10.08 -5.75
CA PRO B 44 6.75 -8.77 -5.98
C PRO B 44 8.28 -8.82 -6.05
N ASP B 45 8.93 -9.69 -5.26
CA ASP B 45 10.38 -9.72 -5.27
C ASP B 45 10.93 -10.39 -6.53
N GLN B 46 10.06 -10.94 -7.37
CA GLN B 46 10.48 -11.50 -8.65
C GLN B 46 10.03 -10.64 -9.82
N GLN B 47 9.46 -9.47 -9.52
CA GLN B 47 9.02 -8.55 -10.56
C GLN B 47 10.02 -7.45 -10.86
N ILE B 48 10.25 -7.16 -12.14
CA ILE B 48 10.99 -5.95 -12.51
C ILE B 48 10.15 -5.11 -13.46
N LEU B 49 9.95 -3.85 -13.12
CA LEU B 49 9.15 -2.94 -13.93
C LEU B 49 10.00 -1.89 -14.62
N PHE B 50 9.65 -1.60 -15.86
CA PHE B 50 10.32 -0.56 -16.64
C PHE B 50 9.30 0.39 -17.26
N PHE B 51 9.65 1.66 -17.28
CA PHE B 51 8.89 2.66 -18.01
C PHE B 51 9.85 3.27 -19.02
N ALA B 52 9.55 3.09 -20.30
CA ALA B 52 10.50 3.37 -21.37
C ALA B 52 11.80 2.61 -21.08
N VAL B 53 12.89 3.33 -20.80
CA VAL B 53 14.17 2.68 -20.52
C VAL B 53 14.58 2.88 -19.07
N LYS B 54 13.60 3.23 -18.24
CA LYS B 54 13.85 3.43 -16.83
C LYS B 54 13.37 2.23 -16.03
N ARG B 55 14.26 1.62 -15.25
CA ARG B 55 13.84 0.63 -14.28
C ARG B 55 13.24 1.37 -13.10
N LEU B 56 12.07 0.93 -12.64
CA LEU B 56 11.36 1.60 -11.55
C LEU B 56 11.81 1.03 -10.19
N GLU B 57 12.14 1.92 -9.26
CA GLU B 57 12.68 1.50 -7.97
C GLU B 57 11.62 1.44 -6.88
N ASP B 58 11.68 0.42 -6.04
CA ASP B 58 10.82 0.38 -4.87
C ASP B 58 11.13 1.61 -4.03
N GLY B 59 10.11 2.15 -3.38
CA GLY B 59 10.27 3.36 -2.60
C GLY B 59 9.88 4.61 -3.37
N ARG B 60 9.92 4.53 -4.70
CA ARG B 60 9.50 5.66 -5.55
C ARG B 60 8.03 5.55 -5.89
N THR B 61 7.44 6.65 -6.33
CA THR B 61 6.05 6.68 -6.75
C THR B 61 5.91 6.74 -8.26
N LEU B 62 4.71 6.44 -8.76
CA LEU B 62 4.45 6.57 -10.19
C LEU B 62 4.67 8.00 -10.65
N SER B 63 4.26 8.96 -9.82
CA SER B 63 4.40 10.37 -10.15
CA SER B 63 4.40 10.38 -10.12
C SER B 63 5.87 10.76 -10.28
N ASP B 64 6.74 10.15 -9.47
CA ASP B 64 8.18 10.42 -9.54
C ASP B 64 8.71 10.14 -10.94
N TYR B 65 8.08 9.20 -11.65
CA TYR B 65 8.52 8.87 -13.00
C TYR B 65 7.68 9.56 -14.06
N ASN B 66 6.72 10.38 -13.59
CA ASN B 66 5.74 11.02 -14.45
C ASN B 66 4.97 9.98 -15.28
N ILE B 67 4.66 8.86 -14.64
CA ILE B 67 3.84 7.84 -15.24
C ILE B 67 2.40 8.36 -15.20
N GLN B 68 1.74 8.35 -16.36
CA GLN B 68 0.44 9.02 -16.50
C GLN B 68 -0.66 8.10 -16.99
N LYS B 69 -1.86 8.67 -17.18
CA LYS B 69 -2.99 7.92 -17.72
C LYS B 69 -2.58 7.24 -19.02
N LYS B 70 -2.80 5.93 -19.07
CA LYS B 70 -2.47 5.10 -20.23
C LYS B 70 -0.99 5.04 -20.58
N SER B 71 -0.12 5.40 -19.64
CA SER B 71 1.29 5.07 -19.80
C SER B 71 1.43 3.56 -19.82
N SER B 72 2.43 3.06 -20.54
CA SER B 72 2.68 1.64 -20.67
C SER B 72 3.97 1.24 -19.97
N LEU B 73 3.88 0.21 -19.14
CA LEU B 73 5.02 -0.35 -18.43
C LEU B 73 5.36 -1.71 -19.01
N LEU B 74 6.63 -2.09 -18.93
CA LEU B 74 7.02 -3.45 -19.25
C LEU B 74 7.30 -4.19 -17.95
N LEU B 75 6.70 -5.36 -17.80
CA LEU B 75 6.97 -6.22 -16.66
C LEU B 75 7.81 -7.41 -17.07
N ALA B 76 8.90 -7.65 -16.33
CA ALA B 76 9.71 -8.83 -16.57
C ALA B 76 9.96 -9.54 -15.24
N MET B 77 10.43 -10.77 -15.31
CA MET B 77 10.73 -11.54 -14.11
C MET B 77 12.20 -11.43 -13.74
N ARG B 78 12.46 -11.48 -12.44
CA ARG B 78 13.82 -11.54 -11.93
C ARG B 78 14.09 -12.96 -11.45
N VAL B 79 15.32 -13.43 -11.65
CA VAL B 79 15.76 -14.68 -11.07
C VAL B 79 15.65 -14.54 -9.55
N PRO B 80 15.00 -15.50 -8.88
CA PRO B 80 14.86 -15.41 -7.42
C PRO B 80 16.20 -15.35 -6.70
N GLY B 81 16.21 -14.81 -5.47
CA GLY B 81 17.41 -14.78 -4.66
C GLY B 81 18.00 -13.39 -4.50
N MET C 7 8.23 -1.61 8.01
CA MET C 7 8.02 -0.28 8.57
C MET C 7 7.45 -0.36 9.99
N GLN C 8 7.60 0.71 10.75
CA GLN C 8 6.99 0.84 12.07
C GLN C 8 5.73 1.71 12.03
N ILE C 9 4.68 1.28 12.75
CA ILE C 9 3.55 2.15 13.00
C ILE C 9 3.35 2.33 14.49
N LEU C 10 2.67 3.40 14.87
CA LEU C 10 2.40 3.70 16.27
C LEU C 10 0.94 3.43 16.53
N VAL C 11 0.64 2.81 17.68
CA VAL C 11 -0.73 2.50 18.03
C VAL C 11 -1.02 3.00 19.45
N LYS C 12 -2.03 3.84 19.58
CA LYS C 12 -2.52 4.28 20.88
C LYS C 12 -3.46 3.23 21.46
N THR C 13 -3.10 2.67 22.61
CA THR C 13 -3.86 1.58 23.22
C THR C 13 -4.86 2.08 24.26
N PRO C 14 -5.89 1.26 24.57
CA PRO C 14 -6.89 1.62 25.58
C PRO C 14 -6.31 1.89 26.97
N ARG C 15 -5.16 1.33 27.31
CA ARG C 15 -4.60 1.58 28.64
C ARG C 15 -3.92 2.96 28.71
N GLY C 16 -3.77 3.60 27.55
CA GLY C 16 -3.31 4.98 27.49
C GLY C 16 -1.91 5.11 26.93
N LYS C 17 -1.26 3.98 26.72
CA LYS C 17 0.11 3.96 26.23
C LYS C 17 0.20 3.76 24.72
N THR C 18 1.21 4.36 24.12
CA THR C 18 1.49 4.16 22.71
C THR C 18 2.57 3.08 22.52
N ILE C 19 2.29 2.11 21.67
CA ILE C 19 3.23 1.05 21.36
C ILE C 19 3.61 1.15 19.89
N THR C 20 4.62 0.39 19.49
CA THR C 20 4.98 0.32 18.09
C THR C 20 4.76 -1.10 17.58
N LEU C 21 4.49 -1.23 16.30
CA LEU C 21 4.40 -2.53 15.66
C LEU C 21 5.29 -2.53 14.43
N GLU C 22 6.01 -3.62 14.22
CA GLU C 22 6.74 -3.82 12.97
C GLU C 22 5.79 -4.45 11.97
N VAL C 23 5.54 -3.75 10.88
CA VAL C 23 4.57 -4.18 9.89
C VAL C 23 5.10 -4.02 8.48
N GLU C 24 4.34 -4.51 7.51
CA GLU C 24 4.60 -4.31 6.09
C GLU C 24 3.35 -3.64 5.53
N PRO C 25 3.48 -2.83 4.46
CA PRO C 25 2.32 -2.18 3.85
C PRO C 25 1.24 -3.17 3.40
N SER C 26 1.68 -4.38 3.06
CA SER C 26 0.78 -5.42 2.56
C SER C 26 0.10 -6.20 3.68
N ASP C 27 0.51 -5.98 4.93
CA ASP C 27 -0.16 -6.60 6.06
C ASP C 27 -1.65 -6.29 6.08
N THR C 28 -2.46 -7.30 6.38
CA THR C 28 -3.89 -7.09 6.55
C THR C 28 -4.18 -6.50 7.92
N ILE C 29 -5.34 -5.88 8.05
CA ILE C 29 -5.79 -5.37 9.33
C ILE C 29 -5.88 -6.51 10.36
N GLU C 30 -6.31 -7.69 9.90
CA GLU C 30 -6.41 -8.87 10.75
C GLU C 30 -5.05 -9.25 11.34
N ASN C 31 -4.02 -9.20 10.50
CA ASN C 31 -2.65 -9.47 10.92
C ASN C 31 -2.19 -8.49 11.99
N VAL C 32 -2.46 -7.20 11.75
CA VAL C 32 -2.11 -6.16 12.72
C VAL C 32 -2.78 -6.44 14.06
N LYS C 33 -4.06 -6.83 14.03
CA LYS C 33 -4.78 -7.13 15.27
C LYS C 33 -4.18 -8.35 15.99
N ALA C 34 -3.72 -9.32 15.22
CA ALA C 34 -3.06 -10.48 15.80
C ALA C 34 -1.79 -10.07 16.54
N LYS C 35 -1.04 -9.15 15.95
CA LYS C 35 0.15 -8.62 16.59
C LYS C 35 -0.20 -7.88 17.86
N ILE C 36 -1.30 -7.14 17.82
CA ILE C 36 -1.75 -6.38 18.97
C ILE C 36 -2.17 -7.33 20.10
N GLN C 37 -2.80 -8.43 19.74
CA GLN C 37 -3.18 -9.42 20.74
C GLN C 37 -1.96 -9.99 21.45
N ASP C 38 -0.91 -10.26 20.69
CA ASP C 38 0.32 -10.81 21.26
CA ASP C 38 0.33 -10.80 21.24
C ASP C 38 0.91 -9.84 22.28
N LYS C 39 0.88 -8.54 21.98
CA LYS C 39 1.47 -7.54 22.84
C LYS C 39 0.54 -7.08 23.96
N GLU C 40 -0.73 -6.83 23.62
CA GLU C 40 -1.65 -6.21 24.55
C GLU C 40 -2.66 -7.18 25.16
N GLY C 41 -2.80 -8.37 24.57
CA GLY C 41 -3.67 -9.38 25.12
C GLY C 41 -5.14 -9.25 24.76
N ILE C 42 -5.49 -8.21 24.00
CA ILE C 42 -6.87 -8.03 23.57
C ILE C 42 -7.20 -8.96 22.39
N PRO C 43 -8.25 -9.78 22.55
CA PRO C 43 -8.68 -10.62 21.43
C PRO C 43 -9.05 -9.77 20.21
N PRO C 44 -8.63 -10.17 19.01
CA PRO C 44 -8.88 -9.38 17.80
C PRO C 44 -10.36 -9.01 17.62
N ASP C 45 -11.29 -9.87 18.02
CA ASP C 45 -12.70 -9.55 17.81
C ASP C 45 -13.19 -8.47 18.78
N GLN C 46 -12.34 -8.08 19.74
CA GLN C 46 -12.71 -6.98 20.63
C GLN C 46 -11.91 -5.71 20.34
N GLN C 47 -11.12 -5.76 19.28
CA GLN C 47 -10.31 -4.63 18.85
C GLN C 47 -10.99 -3.82 17.76
N ILE C 48 -10.94 -2.50 17.89
CA ILE C 48 -11.32 -1.62 16.78
C ILE C 48 -10.19 -0.67 16.47
N LEU C 49 -9.75 -0.64 15.22
CA LEU C 49 -8.65 0.24 14.82
C LEU C 49 -9.14 1.40 13.96
N PHE C 50 -8.55 2.58 14.18
CA PHE C 50 -8.88 3.76 13.39
C PHE C 50 -7.60 4.40 12.88
N PHE C 51 -7.65 4.88 11.65
CA PHE C 51 -6.57 5.71 11.10
C PHE C 51 -7.18 7.02 10.64
N ALA C 52 -6.74 8.12 11.24
CA ALA C 52 -7.45 9.40 11.14
C ALA C 52 -8.90 9.18 11.61
N VAL C 53 -9.87 9.32 10.71
CA VAL C 53 -11.27 9.11 11.08
C VAL C 53 -11.90 7.94 10.34
N LYS C 54 -11.06 7.05 9.82
CA LYS C 54 -11.54 5.84 9.14
C LYS C 54 -11.39 4.63 10.05
N ARG C 55 -12.49 3.91 10.25
CA ARG C 55 -12.41 2.62 10.92
C ARG C 55 -11.82 1.62 9.94
N LEU C 56 -10.84 0.84 10.39
CA LEU C 56 -10.16 -0.08 9.50
C LEU C 56 -10.86 -1.43 9.45
N GLU C 57 -11.10 -1.91 8.23
CA GLU C 57 -11.84 -3.16 8.05
C GLU C 57 -10.90 -4.34 7.83
N ASP C 58 -11.25 -5.47 8.43
CA ASP C 58 -10.53 -6.71 8.20
C ASP C 58 -10.64 -7.04 6.72
N GLY C 59 -9.59 -7.64 6.18
CA GLY C 59 -9.54 -7.94 4.76
C GLY C 59 -8.81 -6.89 3.96
N ARG C 60 -8.73 -5.67 4.49
CA ARG C 60 -8.00 -4.59 3.83
C ARG C 60 -6.56 -4.59 4.32
N THR C 61 -5.67 -3.92 3.58
CA THR C 61 -4.28 -3.80 3.98
C THR C 61 -3.97 -2.41 4.50
N LEU C 62 -2.83 -2.26 5.17
CA LEU C 62 -2.36 -0.96 5.61
C LEU C 62 -2.20 -0.04 4.40
N SER C 63 -1.69 -0.58 3.30
CA SER C 63 -1.47 0.19 2.08
C SER C 63 -2.79 0.75 1.55
N ASP C 64 -3.86 -0.01 1.71
CA ASP C 64 -5.20 0.42 1.28
C ASP C 64 -5.64 1.72 1.94
N TYR C 65 -5.15 1.98 3.15
CA TYR C 65 -5.52 3.19 3.89
C TYR C 65 -4.43 4.26 3.79
N ASN C 66 -3.41 3.99 2.99
CA ASN C 66 -2.23 4.83 2.89
C ASN C 66 -1.55 5.05 4.24
N ILE C 67 -1.53 4.00 5.05
CA ILE C 67 -0.81 4.01 6.31
C ILE C 67 0.69 3.87 6.03
N GLN C 68 1.49 4.76 6.61
CA GLN C 68 2.90 4.83 6.27
C GLN C 68 3.80 4.71 7.49
N LYS C 69 5.11 4.78 7.25
CA LYS C 69 6.09 4.73 8.32
C LYS C 69 5.76 5.76 9.41
N LYS C 70 5.66 5.27 10.64
CA LYS C 70 5.35 6.11 11.81
C LYS C 70 3.97 6.77 11.76
N SER C 71 3.08 6.26 10.92
CA SER C 71 1.68 6.64 11.03
C SER C 71 1.17 6.21 12.42
N SER C 72 0.19 6.95 12.94
CA SER C 72 -0.37 6.64 14.24
C SER C 72 -1.80 6.13 14.12
N LEU C 73 -2.07 4.99 14.73
CA LEU C 73 -3.42 4.41 14.77
C LEU C 73 -3.98 4.51 16.18
N LEU C 74 -5.30 4.58 16.27
CA LEU C 74 -5.97 4.47 17.55
C LEU C 74 -6.59 3.09 17.69
N LEU C 75 -6.33 2.45 18.82
CA LEU C 75 -6.94 1.16 19.15
C LEU C 75 -7.95 1.40 20.26
N ALA C 76 -9.17 0.90 20.06
CA ALA C 76 -10.20 0.99 21.06
C ALA C 76 -10.85 -0.36 21.28
N MET C 77 -11.59 -0.48 22.38
CA MET C 77 -12.26 -1.71 22.74
C MET C 77 -13.67 -1.72 22.15
N ARG C 78 -14.11 -2.90 21.74
CA ARG C 78 -15.47 -3.13 21.33
C ARG C 78 -16.17 -3.93 22.42
N VAL C 79 -17.44 -3.63 22.70
CA VAL C 79 -18.23 -4.49 23.58
C VAL C 79 -18.33 -5.88 22.94
N PRO C 80 -18.01 -6.94 23.70
CA PRO C 80 -18.03 -8.30 23.15
C PRO C 80 -19.42 -8.70 22.62
N GLY C 81 -19.46 -9.67 21.71
CA GLY C 81 -20.73 -10.18 21.21
C GLY C 81 -21.03 -9.75 19.79
N ASN D 5 -29.32 19.92 25.55
CA ASN D 5 -30.28 18.83 25.58
C ASN D 5 -29.61 17.46 25.63
N ASP D 6 -30.42 16.42 25.51
CA ASP D 6 -29.92 15.07 25.29
C ASP D 6 -29.94 14.80 23.79
N GLU D 7 -29.80 15.87 23.01
CA GLU D 7 -29.79 15.76 21.56
C GLU D 7 -28.55 16.44 20.99
N ASN D 8 -27.65 16.87 21.88
CA ASN D 8 -26.36 17.42 21.49
C ASN D 8 -25.21 16.52 21.92
N CYS D 9 -24.21 16.39 21.05
CA CYS D 9 -22.98 15.66 21.40
C CYS D 9 -22.36 16.32 22.62
N GLY D 10 -22.07 15.53 23.64
CA GLY D 10 -21.48 16.06 24.86
C GLY D 10 -20.12 16.71 24.65
N ILE D 11 -19.41 16.28 23.62
CA ILE D 11 -18.07 16.81 23.38
C ILE D 11 -18.08 18.14 22.63
N CYS D 12 -18.71 18.18 21.45
CA CYS D 12 -18.66 19.40 20.64
C CYS D 12 -19.86 20.32 20.83
N ARG D 13 -20.88 19.84 21.54
CA ARG D 13 -22.12 20.59 21.78
C ARG D 13 -22.88 20.91 20.47
N MET D 14 -22.67 20.11 19.44
CA MET D 14 -23.43 20.25 18.18
C MET D 14 -24.47 19.14 18.10
N ALA D 15 -25.55 19.38 17.36
CA ALA D 15 -26.64 18.42 17.22
C ALA D 15 -26.17 17.06 16.74
N PHE D 16 -26.78 16.00 17.26
CA PHE D 16 -26.51 14.66 16.76
C PHE D 16 -26.94 14.51 15.31
N ASN D 17 -28.05 15.14 14.92
CA ASN D 17 -28.53 14.98 13.55
C ASN D 17 -27.79 15.91 12.57
N GLY D 18 -26.76 16.59 13.07
CA GLY D 18 -25.94 17.45 12.23
C GLY D 18 -24.47 17.07 12.31
N CYS D 19 -23.63 17.87 11.67
CA CYS D 19 -22.19 17.62 11.63
C CYS D 19 -21.42 18.15 12.85
N CYS D 20 -20.32 17.46 13.16
CA CYS D 20 -19.36 17.91 14.16
C CYS D 20 -18.63 19.15 13.62
N PRO D 21 -17.85 19.85 14.47
CA PRO D 21 -17.20 21.08 14.01
C PRO D 21 -16.19 20.91 12.88
N ASP D 22 -15.64 19.70 12.72
CA ASP D 22 -14.63 19.45 11.70
C ASP D 22 -15.27 19.17 10.36
N CYS D 23 -16.52 18.76 10.39
CA CYS D 23 -17.24 18.48 9.15
C CYS D 23 -17.93 19.76 8.68
N LYS D 24 -17.20 20.50 7.85
CA LYS D 24 -17.61 21.83 7.42
C LYS D 24 -18.52 21.82 6.20
N VAL D 25 -18.62 20.68 5.53
CA VAL D 25 -19.47 20.60 4.35
C VAL D 25 -20.79 19.94 4.71
N PRO D 26 -21.90 20.64 4.44
CA PRO D 26 -23.22 20.08 4.76
C PRO D 26 -23.41 18.76 4.02
N GLY D 27 -23.71 17.68 4.73
CA GLY D 27 -23.81 16.39 4.08
C GLY D 27 -22.55 15.56 4.23
N ASP D 28 -21.56 16.09 4.94
CA ASP D 28 -20.38 15.32 5.31
C ASP D 28 -20.82 14.07 6.07
N ASP D 29 -20.13 12.96 5.87
CA ASP D 29 -20.45 11.75 6.63
C ASP D 29 -19.89 11.89 8.03
N CYS D 30 -20.77 12.08 9.00
CA CYS D 30 -20.37 12.31 10.38
C CYS D 30 -21.18 11.37 11.27
N PRO D 31 -20.82 10.08 11.27
CA PRO D 31 -21.69 9.10 11.94
C PRO D 31 -21.65 9.23 13.47
N LEU D 32 -22.67 8.66 14.11
CA LEU D 32 -22.74 8.64 15.57
C LEU D 32 -22.28 7.29 16.10
N VAL D 33 -21.72 7.28 17.30
CA VAL D 33 -21.30 6.04 17.94
C VAL D 33 -21.72 6.07 19.41
N TRP D 34 -21.78 4.88 20.02
CA TRP D 34 -22.24 4.72 21.39
C TRP D 34 -21.22 4.00 22.26
N GLY D 35 -21.09 4.44 23.51
CA GLY D 35 -20.27 3.74 24.49
C GLY D 35 -21.10 2.71 25.23
N GLN D 36 -20.43 1.77 25.91
CA GLN D 36 -21.11 0.78 26.74
C GLN D 36 -21.93 1.49 27.82
N CYS D 37 -21.44 2.66 28.22
CA CYS D 37 -22.11 3.49 29.21
C CYS D 37 -23.36 4.18 28.66
N SER D 38 -23.67 3.88 27.39
CA SER D 38 -24.85 4.38 26.67
C SER D 38 -24.84 5.89 26.39
N HIS D 39 -23.67 6.52 26.45
CA HIS D 39 -23.55 7.88 25.91
C HIS D 39 -23.22 7.85 24.43
N CYS D 40 -23.78 8.81 23.71
CA CYS D 40 -23.62 8.94 22.26
C CYS D 40 -22.74 10.13 21.90
N PHE D 41 -21.87 9.95 20.91
CA PHE D 41 -21.03 11.05 20.39
C PHE D 41 -20.93 10.97 18.87
N HIS D 42 -20.63 12.10 18.21
CA HIS D 42 -20.10 12.02 16.86
C HIS D 42 -18.86 11.17 16.95
N MET D 43 -18.69 10.25 16.00
CA MET D 43 -17.48 9.44 15.94
C MET D 43 -16.24 10.32 15.93
N HIS D 44 -16.24 11.35 15.10
CA HIS D 44 -15.07 12.22 14.96
C HIS D 44 -14.72 12.86 16.30
N CYS D 45 -15.72 13.25 17.07
CA CYS D 45 -15.48 13.84 18.39
C CYS D 45 -14.86 12.86 19.39
N ILE D 46 -15.44 11.67 19.51
CA ILE D 46 -14.94 10.75 20.53
C ILE D 46 -13.57 10.19 20.11
N LEU D 47 -13.33 10.03 18.82
CA LEU D 47 -12.03 9.55 18.36
C LEU D 47 -10.92 10.53 18.78
N LYS D 48 -11.17 11.82 18.56
CA LYS D 48 -10.21 12.86 18.94
C LYS D 48 -9.97 12.86 20.45
N TRP D 49 -11.05 12.72 21.21
CA TRP D 49 -10.96 12.73 22.67
C TRP D 49 -10.17 11.52 23.18
N LEU D 50 -10.52 10.33 22.68
CA LEU D 50 -9.86 9.09 23.09
C LEU D 50 -8.38 9.11 22.79
N HIS D 51 -8.04 9.63 21.61
CA HIS D 51 -6.67 9.65 21.16
C HIS D 51 -5.82 10.52 22.10
N ALA D 52 -6.44 11.56 22.65
CA ALA D 52 -5.75 12.49 23.54
C ALA D 52 -5.52 11.94 24.94
N GLN D 53 -6.27 10.91 25.30
CA GLN D 53 -6.18 10.36 26.65
C GLN D 53 -4.84 9.70 26.95
N GLN D 54 -4.22 10.10 28.05
CA GLN D 54 -2.95 9.51 28.48
C GLN D 54 -3.19 8.45 29.55
N VAL D 55 -4.46 8.21 29.86
CA VAL D 55 -4.87 7.18 30.81
C VAL D 55 -5.81 6.16 30.16
N GLN D 56 -6.32 5.22 30.96
CA GLN D 56 -7.30 4.26 30.48
C GLN D 56 -8.45 4.99 29.79
N GLN D 57 -8.77 4.55 28.56
CA GLN D 57 -9.82 5.22 27.78
C GLN D 57 -11.15 5.24 28.54
N HIS D 58 -11.75 6.41 28.66
CA HIS D 58 -13.03 6.49 29.36
C HIS D 58 -13.94 7.53 28.73
N CYS D 59 -15.22 7.45 29.07
CA CYS D 59 -16.23 8.36 28.55
C CYS D 59 -16.02 9.79 29.07
N PRO D 60 -16.10 10.79 28.17
CA PRO D 60 -15.92 12.18 28.60
C PRO D 60 -16.98 12.63 29.61
N MET D 61 -18.17 12.06 29.51
CA MET D 61 -19.28 12.48 30.36
C MET D 61 -19.26 11.77 31.72
N CYS D 62 -19.36 10.45 31.73
CA CYS D 62 -19.52 9.70 32.98
C CYS D 62 -18.22 9.07 33.48
N ARG D 63 -17.19 9.14 32.64
CA ARG D 63 -15.85 8.66 32.94
C ARG D 63 -15.76 7.16 33.23
N GLN D 64 -16.80 6.41 32.88
CA GLN D 64 -16.72 4.96 32.97
C GLN D 64 -15.78 4.46 31.87
N GLU D 65 -15.27 3.24 32.02
CA GLU D 65 -14.41 2.63 31.01
C GLU D 65 -15.03 2.69 29.62
N TRP D 66 -14.25 3.09 28.61
CA TRP D 66 -14.80 3.20 27.27
C TRP D 66 -14.75 1.87 26.51
N LYS D 67 -15.89 1.50 25.96
CA LYS D 67 -15.99 0.43 24.97
C LYS D 67 -17.02 0.88 23.95
N PHE D 68 -16.74 0.64 22.67
CA PHE D 68 -17.72 0.93 21.63
C PHE D 68 -18.84 -0.11 21.61
N LYS D 69 -20.07 0.35 21.74
CA LYS D 69 -21.21 -0.54 21.64
C LYS D 69 -21.59 -0.72 20.18
N GLU D 70 -21.14 -1.86 19.64
CA GLU D 70 -21.28 -2.31 18.23
C GLU D 70 -20.01 -2.04 17.43
#